data_6V09
#
_entry.id   6V09
#
_cell.length_a   160.248
_cell.length_b   171.160
_cell.length_c   113.369
_cell.angle_alpha   90.000
_cell.angle_beta   90.000
_cell.angle_gamma   90.000
#
_symmetry.space_group_name_H-M   'C 2 2 21'
#
loop_
_entity.id
_entity.type
_entity.pdbx_description
1 polymer 'Beta-2-glycoprotein 1'
2 branched beta-D-mannopyranose-(1-4)-2-acetamido-2-deoxy-beta-D-glucopyranose-(1-4)-2-acetamido-2-deoxy-beta-D-glucopyranose
3 non-polymer 2-acetamido-2-deoxy-beta-D-glucopyranose
4 non-polymer 'SULFATE ION'
5 water water
#
_entity_poly.entity_id   1
_entity_poly.type   'polypeptide(L)'
_entity_poly.pdbx_seq_one_letter_code
;EDQVDPRLIDGKGRTCPKPDDLPFSTVVPLKTFYEPGEEITYSCKPGYVSRGGMRKFICPLTGLWPINTLKCTPRVCPFA
GILENGAVRYTTFEYPNTISFSCNTGFYLNGADSAKCTEEGKWSPELPVCAPIICPPPSIPTFATLRVYKPSAGNNSLYR
DTAVFECLPQHAMFGNDTITCTTHGNWTKLPECREVKCPFPSRPDNGFVNYPAKPTLYYKDKATFGCHDGYSLDGPEEIE
CTKLGNWSAMPSCKASCKVPVKKATVVYQGERVKIQEKFKNGMLHGDKVSFFCKNKEKKCSYTEDAQCIDGTIEVPKCFK
EHSSLAFWKTDASDVKPC
;
_entity_poly.pdbx_strand_id   A
#
loop_
_chem_comp.id
_chem_comp.type
_chem_comp.name
_chem_comp.formula
BMA D-saccharide, beta linking beta-D-mannopyranose 'C6 H12 O6'
NAG D-saccharide, beta linking 2-acetamido-2-deoxy-beta-D-glucopyranose 'C8 H15 N O6'
SO4 non-polymer 'SULFATE ION' 'O4 S -2'
#
# COMPACT_ATOMS: atom_id res chain seq x y z
N ASP A 10 63.02 17.93 58.49
CA ASP A 10 63.77 17.76 57.19
C ASP A 10 64.75 16.59 57.27
N GLY A 11 64.91 15.88 56.15
CA GLY A 11 65.70 14.65 56.10
C GLY A 11 64.83 13.46 56.47
N LYS A 12 64.45 13.38 57.76
CA LYS A 12 63.41 12.43 58.24
C LYS A 12 61.99 12.96 58.01
N GLY A 13 61.80 14.28 58.13
CA GLY A 13 60.52 14.93 57.87
C GLY A 13 60.16 15.03 56.39
N ARG A 14 59.84 13.89 55.78
CA ARG A 14 59.31 13.79 54.40
C ARG A 14 57.80 13.51 54.43
N THR A 15 57.14 13.69 53.29
CA THR A 15 55.72 13.38 53.15
C THR A 15 55.48 12.79 51.78
N CYS A 16 54.34 12.17 51.61
CA CYS A 16 53.98 11.67 50.31
C CYS A 16 53.07 12.68 49.69
N PRO A 17 53.13 12.80 48.36
CA PRO A 17 52.29 13.74 47.67
C PRO A 17 50.89 13.20 47.51
N LYS A 18 50.04 14.05 46.94
CA LYS A 18 48.75 13.64 46.48
C LYS A 18 48.93 12.45 45.56
N PRO A 19 48.12 11.40 45.74
CA PRO A 19 48.32 10.20 44.94
C PRO A 19 47.91 10.44 43.51
N ASP A 20 48.40 9.61 42.60
CA ASP A 20 48.05 9.75 41.17
C ASP A 20 46.61 9.37 40.93
N ASP A 21 45.97 10.01 39.97
CA ASP A 21 44.58 9.73 39.64
C ASP A 21 44.53 8.70 38.50
N LEU A 22 44.36 7.43 38.81
CA LEU A 22 44.30 6.41 37.77
C LEU A 22 42.95 6.33 37.08
N PRO A 23 42.92 6.03 35.77
CA PRO A 23 41.71 5.69 35.07
C PRO A 23 40.68 4.91 35.89
N PHE A 24 39.49 5.48 36.00
CA PHE A 24 38.30 4.85 36.57
C PHE A 24 38.48 4.34 38.01
N SER A 25 39.32 5.01 38.76
CA SER A 25 39.67 4.61 40.11
C SER A 25 39.16 5.68 41.02
N THR A 26 39.30 5.43 42.31
CA THR A 26 38.93 6.40 43.32
C THR A 26 39.78 6.09 44.54
N VAL A 27 40.30 7.12 45.19
CA VAL A 27 41.28 6.91 46.26
C VAL A 27 40.79 7.50 47.56
N VAL A 28 40.99 6.79 48.65
CA VAL A 28 40.51 7.24 49.94
C VAL A 28 41.49 6.91 51.05
N PRO A 29 41.74 7.85 51.98
CA PRO A 29 41.38 9.26 52.00
C PRO A 29 42.23 10.03 51.00
N LEU A 30 41.60 10.93 50.24
CA LEU A 30 42.34 11.80 49.30
C LEU A 30 42.79 13.12 49.93
N LYS A 31 44.10 13.29 50.02
CA LYS A 31 44.69 14.46 50.58
C LYS A 31 45.82 14.96 49.69
N THR A 32 46.30 16.16 49.97
CA THR A 32 47.36 16.77 49.16
C THR A 32 48.72 16.35 49.65
N PHE A 33 48.81 15.91 50.90
CA PHE A 33 50.01 15.25 51.37
C PHE A 33 49.73 14.34 52.54
N TYR A 34 50.62 13.38 52.74
CA TYR A 34 50.44 12.37 53.78
C TYR A 34 51.70 12.21 54.61
N GLU A 35 51.55 12.09 55.94
CA GLU A 35 52.67 11.72 56.80
C GLU A 35 53.02 10.25 56.53
N PRO A 36 54.27 9.86 56.74
CA PRO A 36 54.55 8.43 56.60
C PRO A 36 53.78 7.64 57.62
N GLY A 37 53.44 6.41 57.27
CA GLY A 37 52.55 5.59 58.08
C GLY A 37 51.09 5.70 57.71
N GLU A 38 50.65 6.80 57.10
CA GLU A 38 49.26 6.92 56.68
C GLU A 38 48.95 5.99 55.55
N GLU A 39 47.69 5.55 55.45
CA GLU A 39 47.25 4.57 54.45
C GLU A 39 46.28 5.15 53.45
N ILE A 40 46.39 4.71 52.21
CA ILE A 40 45.38 5.02 51.21
C ILE A 40 44.87 3.75 50.56
N THR A 41 43.74 3.86 49.90
CA THR A 41 43.06 2.72 49.35
C THR A 41 42.45 3.06 48.00
N TYR A 42 43.03 2.51 46.94
CA TYR A 42 42.48 2.63 45.59
C TYR A 42 41.37 1.62 45.44
N SER A 43 40.32 1.98 44.69
CA SER A 43 39.19 1.09 44.40
C SER A 43 38.70 1.49 43.04
N CYS A 44 38.33 0.52 42.21
CA CYS A 44 37.74 0.86 40.92
C CYS A 44 36.38 1.51 41.13
N LYS A 45 36.03 2.42 40.21
CA LYS A 45 34.71 3.06 40.23
C LYS A 45 33.69 1.99 39.95
N PRO A 46 32.47 2.17 40.42
CA PRO A 46 31.50 1.12 40.18
C PRO A 46 31.22 1.03 38.67
N GLY A 47 31.07 -0.20 38.21
CA GLY A 47 30.99 -0.50 36.79
C GLY A 47 32.32 -0.91 36.21
N TYR A 48 33.40 -0.84 36.99
CA TYR A 48 34.73 -1.17 36.51
C TYR A 48 35.36 -2.18 37.46
N VAL A 49 36.41 -2.83 36.98
CA VAL A 49 37.07 -3.90 37.75
C VAL A 49 38.52 -3.96 37.37
N SER A 50 39.34 -4.52 38.27
CA SER A 50 40.78 -4.63 38.02
C SER A 50 41.34 -5.99 38.35
N ARG A 51 42.41 -6.31 37.62
CA ARG A 51 43.39 -7.32 38.00
C ARG A 51 43.81 -7.03 39.46
N GLY A 52 43.32 -7.86 40.39
CA GLY A 52 43.71 -7.80 41.80
C GLY A 52 42.78 -7.00 42.70
N GLY A 53 42.17 -5.94 42.15
CA GLY A 53 41.22 -5.11 42.88
C GLY A 53 41.88 -4.07 43.78
N MET A 54 41.23 -3.78 44.91
CA MET A 54 41.66 -2.75 45.88
C MET A 54 43.15 -2.81 46.19
N ARG A 55 43.89 -1.79 45.76
CA ARG A 55 45.25 -1.59 46.23
C ARG A 55 45.26 -0.71 47.47
N LYS A 56 46.15 -1.03 48.40
CA LYS A 56 46.29 -0.34 49.66
C LYS A 56 47.76 0.00 49.84
N PHE A 57 48.07 1.25 50.14
CA PHE A 57 49.47 1.67 50.29
C PHE A 57 49.69 2.46 51.56
N ILE A 58 50.83 2.26 52.20
CA ILE A 58 51.21 3.07 53.35
C ILE A 58 52.29 4.05 52.89
N CYS A 59 52.13 5.32 53.22
CA CYS A 59 53.16 6.29 52.89
C CYS A 59 54.45 5.87 53.60
N PRO A 60 55.49 5.56 52.83
CA PRO A 60 56.73 5.21 53.48
C PRO A 60 57.52 6.44 53.87
N LEU A 61 58.62 6.20 54.58
CA LEU A 61 59.48 7.25 55.11
C LEU A 61 60.19 8.04 54.00
N THR A 62 60.44 7.39 52.87
CA THR A 62 61.05 8.02 51.72
C THR A 62 60.15 9.07 51.13
N GLY A 63 58.86 8.97 51.34
CA GLY A 63 57.92 9.95 50.79
C GLY A 63 57.50 9.61 49.37
N LEU A 64 57.84 8.42 48.89
CA LEU A 64 57.51 8.00 47.54
C LEU A 64 56.52 6.85 47.55
N TRP A 65 55.33 7.11 47.00
CA TRP A 65 54.33 6.06 46.80
C TRP A 65 54.94 5.03 45.87
N PRO A 66 54.68 3.74 46.12
CA PRO A 66 55.13 2.69 45.23
C PRO A 66 54.56 2.75 43.82
N ILE A 67 54.94 1.74 43.05
CA ILE A 67 54.35 1.51 41.73
C ILE A 67 52.98 0.86 41.94
N ASN A 68 52.01 1.28 41.12
CA ASN A 68 50.62 0.89 41.29
C ASN A 68 50.17 0.00 40.15
N THR A 69 50.11 -1.31 40.40
CA THR A 69 49.68 -2.26 39.37
C THR A 69 48.24 -2.05 38.86
N LEU A 70 47.37 -1.42 39.67
CA LEU A 70 45.93 -1.25 39.34
C LEU A 70 45.64 -0.74 37.95
N LYS A 71 44.78 -1.49 37.25
CA LYS A 71 44.28 -1.10 35.95
C LYS A 71 42.78 -1.43 35.94
N CYS A 72 41.93 -0.40 35.86
CA CYS A 72 40.49 -0.54 35.98
C CYS A 72 39.83 -0.52 34.62
N THR A 73 39.05 -1.56 34.32
CA THR A 73 38.34 -1.68 33.05
C THR A 73 36.86 -2.01 33.25
N PRO A 74 36.00 -1.55 32.31
CA PRO A 74 34.57 -1.79 32.41
C PRO A 74 34.22 -3.27 32.54
N ARG A 75 33.24 -3.55 33.38
CA ARG A 75 32.63 -4.87 33.43
C ARG A 75 32.02 -5.17 32.08
N VAL A 76 31.92 -6.45 31.71
CA VAL A 76 31.25 -6.84 30.46
C VAL A 76 30.06 -7.74 30.73
N CYS A 77 28.91 -7.28 30.28
CA CYS A 77 27.67 -8.01 30.41
C CYS A 77 27.72 -9.19 29.45
N PRO A 78 26.92 -10.22 29.70
CA PRO A 78 26.91 -11.37 28.81
C PRO A 78 26.71 -10.97 27.35
N PHE A 79 27.43 -11.63 26.45
CA PHE A 79 27.26 -11.42 25.01
C PHE A 79 25.79 -11.39 24.61
N ALA A 80 25.41 -10.38 23.83
CA ALA A 80 24.02 -10.17 23.48
C ALA A 80 23.81 -9.73 22.03
N GLY A 81 24.70 -10.16 21.14
CA GLY A 81 24.70 -9.68 19.76
C GLY A 81 23.84 -10.46 18.80
N ILE A 82 23.17 -11.50 19.28
CA ILE A 82 22.36 -12.37 18.46
C ILE A 82 20.98 -12.39 19.06
N LEU A 83 20.00 -12.00 18.25
CA LEU A 83 18.60 -11.97 18.64
C LEU A 83 17.86 -12.82 17.63
N GLU A 84 17.57 -14.07 18.01
CA GLU A 84 16.84 -14.99 17.15
C GLU A 84 15.65 -14.30 16.49
N ASN A 85 15.66 -14.30 15.15
CA ASN A 85 14.70 -13.61 14.28
C ASN A 85 14.65 -12.10 14.36
N GLY A 86 15.79 -11.48 14.64
CA GLY A 86 15.84 -10.04 14.79
C GLY A 86 17.23 -9.48 14.73
N ALA A 87 17.44 -8.32 15.34
CA ALA A 87 18.67 -7.61 15.17
C ALA A 87 18.99 -6.69 16.32
N VAL A 88 20.26 -6.77 16.77
CA VAL A 88 20.77 -5.95 17.83
C VAL A 88 21.70 -4.87 17.32
N ARG A 89 21.44 -3.63 17.68
CA ARG A 89 22.35 -2.56 17.38
C ARG A 89 23.25 -2.48 18.62
N TYR A 90 24.58 -2.44 18.43
CA TYR A 90 25.51 -2.29 19.56
C TYR A 90 26.93 -1.83 19.26
N THR A 91 27.55 -1.19 20.24
CA THR A 91 28.96 -0.85 20.25
C THR A 91 29.71 -2.04 20.85
N THR A 92 29.71 -2.11 22.18
CA THR A 92 30.31 -3.22 22.93
C THR A 92 29.36 -3.57 24.06
N PHE A 93 29.49 -4.79 24.57
CA PHE A 93 28.64 -5.25 25.65
C PHE A 93 29.26 -4.96 27.02
N GLU A 94 29.87 -3.78 27.14
CA GLU A 94 30.57 -3.39 28.34
C GLU A 94 29.86 -2.19 28.95
N TYR A 95 29.92 -2.10 30.28
CA TYR A 95 29.37 -0.99 31.05
C TYR A 95 29.89 0.32 30.51
N PRO A 96 29.04 1.35 30.44
CA PRO A 96 27.63 1.49 30.74
C PRO A 96 26.75 1.53 29.48
N ASN A 97 27.14 0.78 28.45
CA ASN A 97 26.51 0.90 27.14
C ASN A 97 25.09 0.36 27.11
N THR A 98 24.29 1.01 26.26
CA THR A 98 22.96 0.56 25.87
C THR A 98 23.06 -0.29 24.61
N ILE A 99 22.15 -1.24 24.46
CA ILE A 99 21.96 -1.91 23.19
C ILE A 99 20.48 -1.92 22.90
N SER A 100 20.10 -1.82 21.61
CA SER A 100 18.68 -1.80 21.21
C SER A 100 18.36 -2.95 20.28
N PHE A 101 17.08 -3.30 20.22
CA PHE A 101 16.61 -4.47 19.47
C PHE A 101 15.46 -4.15 18.54
N SER A 102 15.37 -4.91 17.46
CA SER A 102 14.19 -4.91 16.56
C SER A 102 14.06 -6.28 15.94
N CYS A 103 12.85 -6.58 15.49
CA CYS A 103 12.60 -7.89 14.93
C CYS A 103 12.56 -7.85 13.41
N ASN A 104 12.84 -9.00 12.80
CA ASN A 104 12.63 -9.18 11.38
C ASN A 104 11.14 -9.11 11.09
N THR A 105 10.79 -8.92 9.82
CA THR A 105 9.40 -8.79 9.44
C THR A 105 8.69 -10.13 9.66
N GLY A 106 7.42 -10.05 10.03
CA GLY A 106 6.65 -11.21 10.47
C GLY A 106 6.63 -11.47 11.98
N PHE A 107 7.61 -10.88 12.69
CA PHE A 107 7.85 -11.09 14.11
C PHE A 107 7.66 -9.81 14.87
N TYR A 108 7.25 -9.93 16.13
CA TYR A 108 7.14 -8.79 17.06
C TYR A 108 8.06 -8.99 18.24
N LEU A 109 8.45 -7.85 18.83
CA LEU A 109 9.38 -7.85 19.96
C LEU A 109 8.71 -8.07 21.31
N ASN A 110 9.05 -9.18 21.96
CA ASN A 110 8.46 -9.60 23.24
C ASN A 110 9.38 -9.29 24.40
N GLY A 111 9.30 -8.06 24.88
CA GLY A 111 10.28 -7.52 25.81
C GLY A 111 10.65 -6.09 25.45
N ALA A 112 11.59 -5.52 26.19
CA ALA A 112 11.96 -4.12 25.97
C ALA A 112 12.76 -3.90 24.68
N ASP A 113 12.60 -2.69 24.12
CA ASP A 113 13.29 -2.31 22.88
C ASP A 113 14.77 -2.03 23.10
N SER A 114 15.18 -1.84 24.35
CA SER A 114 16.59 -1.63 24.65
C SER A 114 16.90 -2.05 26.07
N ALA A 115 18.20 -2.08 26.36
CA ALA A 115 18.74 -2.56 27.61
C ALA A 115 20.11 -1.97 27.88
N LYS A 116 20.42 -1.74 29.16
CA LYS A 116 21.67 -1.13 29.57
C LYS A 116 22.48 -2.18 30.31
N CYS A 117 23.81 -2.08 30.21
CA CYS A 117 24.74 -2.89 31.00
C CYS A 117 24.96 -2.14 32.31
N THR A 118 24.49 -2.72 33.41
CA THR A 118 24.50 -2.03 34.69
C THR A 118 25.89 -2.05 35.28
N GLU A 119 26.06 -1.34 36.38
CA GLU A 119 27.33 -1.40 37.08
C GLU A 119 27.45 -2.75 37.73
N GLU A 120 26.33 -3.37 38.03
CA GLU A 120 26.32 -4.68 38.62
C GLU A 120 26.79 -5.65 37.58
N GLY A 121 26.88 -5.20 36.36
CA GLY A 121 27.38 -6.07 35.32
C GLY A 121 26.40 -7.02 34.70
N LYS A 122 25.19 -6.56 34.48
CA LYS A 122 24.17 -7.40 33.88
C LYS A 122 23.12 -6.55 33.15
N TRP A 123 22.34 -7.17 32.28
CA TRP A 123 21.47 -6.42 31.38
C TRP A 123 20.19 -6.03 32.10
N SER A 124 19.82 -4.74 32.00
CA SER A 124 18.56 -4.22 32.57
C SER A 124 17.85 -3.34 31.54
N PRO A 125 16.62 -3.69 31.15
CA PRO A 125 15.82 -4.87 31.48
C PRO A 125 16.40 -6.13 30.93
N GLU A 126 15.69 -7.25 31.12
CA GLU A 126 16.16 -8.51 30.60
C GLU A 126 16.03 -8.46 29.09
N LEU A 127 16.96 -9.13 28.43
CA LEU A 127 17.00 -9.15 26.99
C LEU A 127 15.69 -9.71 26.46
N PRO A 128 15.17 -9.11 25.38
CA PRO A 128 13.89 -9.54 24.86
C PRO A 128 14.03 -10.73 23.96
N VAL A 129 12.89 -11.13 23.40
CA VAL A 129 12.83 -12.21 22.44
C VAL A 129 11.90 -11.79 21.30
N CYS A 130 12.20 -12.26 20.07
CA CYS A 130 11.30 -12.06 18.93
C CYS A 130 10.30 -13.21 18.86
N ALA A 131 9.05 -12.89 18.57
CA ALA A 131 8.04 -13.92 18.48
C ALA A 131 7.13 -13.70 17.27
N PRO A 132 6.53 -14.79 16.76
CA PRO A 132 5.67 -14.70 15.60
C PRO A 132 4.44 -13.85 15.85
N ILE A 133 4.21 -12.86 14.98
CA ILE A 133 2.98 -12.09 14.95
C ILE A 133 1.93 -13.02 14.45
N ILE A 134 0.83 -13.14 15.18
CA ILE A 134 -0.27 -14.00 14.75
C ILE A 134 -1.65 -13.43 15.11
N CYS A 135 -2.60 -13.58 14.18
CA CYS A 135 -3.97 -13.11 14.32
C CYS A 135 -4.86 -14.30 14.68
N PRO A 136 -5.92 -14.07 15.46
CA PRO A 136 -6.86 -15.14 15.79
C PRO A 136 -7.78 -15.43 14.62
N PRO A 137 -8.58 -16.51 14.70
CA PRO A 137 -9.49 -16.79 13.61
C PRO A 137 -10.44 -15.62 13.37
N PRO A 138 -10.63 -15.22 12.10
CA PRO A 138 -11.43 -14.03 11.80
C PRO A 138 -12.92 -14.33 11.88
N SER A 139 -13.69 -13.29 12.15
CA SER A 139 -15.15 -13.44 12.21
C SER A 139 -15.77 -13.28 10.80
N ILE A 140 -16.81 -14.08 10.55
CA ILE A 140 -17.56 -14.05 9.29
C ILE A 140 -18.58 -12.92 9.39
N PRO A 141 -18.61 -11.97 8.42
CA PRO A 141 -19.67 -10.95 8.56
C PRO A 141 -21.05 -11.52 8.22
N THR A 142 -22.10 -10.80 8.61
CA THR A 142 -23.45 -11.32 8.54
C THR A 142 -23.86 -11.45 7.09
N PHE A 143 -24.47 -12.58 6.74
CA PHE A 143 -24.85 -12.94 5.37
C PHE A 143 -23.59 -13.04 4.50
N ALA A 144 -22.64 -13.86 4.93
CA ALA A 144 -21.46 -14.16 4.13
C ALA A 144 -20.97 -15.55 4.45
N THR A 145 -20.29 -16.17 3.49
CA THR A 145 -19.47 -17.34 3.75
C THR A 145 -18.05 -16.92 3.47
N LEU A 146 -17.11 -17.82 3.73
CA LEU A 146 -15.72 -17.59 3.35
C LEU A 146 -15.22 -18.82 2.66
N ARG A 147 -14.55 -18.62 1.52
CA ARG A 147 -13.89 -19.75 0.87
C ARG A 147 -12.51 -19.42 0.34
N VAL A 148 -11.75 -18.67 1.13
CA VAL A 148 -10.29 -18.69 1.09
C VAL A 148 -9.84 -18.60 2.56
N TYR A 149 -9.45 -19.74 3.15
CA TYR A 149 -8.92 -19.76 4.52
C TYR A 149 -8.08 -21.01 4.85
N LYS A 150 -6.77 -20.83 4.87
CA LYS A 150 -5.86 -21.78 5.50
C LYS A 150 -5.32 -21.12 6.77
N PRO A 151 -5.54 -21.75 7.93
CA PRO A 151 -4.77 -21.31 9.10
C PRO A 151 -3.34 -21.88 9.01
N SER A 152 -2.35 -21.00 8.83
CA SER A 152 -0.93 -21.43 8.73
C SER A 152 -0.20 -21.63 10.08
N ALA A 153 -0.84 -21.28 11.20
CA ALA A 153 -0.26 -21.43 12.55
C ALA A 153 -1.28 -21.99 13.54
N GLY A 154 -1.44 -23.31 13.52
CA GLY A 154 -2.42 -24.00 14.35
C GLY A 154 -3.80 -23.66 13.82
N ASN A 155 -4.61 -23.05 14.67
CA ASN A 155 -5.93 -22.52 14.30
C ASN A 155 -5.85 -21.04 13.91
N ASN A 156 -4.71 -20.42 14.20
CA ASN A 156 -4.53 -19.00 14.03
C ASN A 156 -3.80 -18.76 12.73
N SER A 157 -4.02 -17.58 12.15
CA SER A 157 -3.35 -17.19 10.90
C SER A 157 -2.10 -16.39 11.26
N LEU A 158 -1.14 -16.35 10.35
CA LEU A 158 0.12 -15.62 10.56
C LEU A 158 0.07 -14.30 9.80
N TYR A 159 1.08 -13.50 10.01
CA TYR A 159 1.18 -12.20 9.35
C TYR A 159 1.09 -12.37 7.86
N ARG A 160 0.29 -11.49 7.24
CA ARG A 160 0.09 -11.45 5.79
C ARG A 160 -0.72 -12.59 5.17
N ASP A 161 -1.09 -13.53 6.02
CA ASP A 161 -2.11 -14.47 5.56
C ASP A 161 -3.32 -13.65 5.15
N THR A 162 -4.30 -14.30 4.55
CA THR A 162 -5.49 -13.56 4.13
C THR A 162 -6.68 -14.49 4.14
N ALA A 163 -7.84 -13.90 4.29
CA ALA A 163 -9.07 -14.65 4.10
C ALA A 163 -9.94 -13.85 3.16
N VAL A 164 -10.76 -14.57 2.39
CA VAL A 164 -11.66 -13.93 1.42
C VAL A 164 -13.08 -14.45 1.60
N PHE A 165 -13.99 -13.49 1.70
CA PHE A 165 -15.42 -13.75 1.82
C PHE A 165 -16.12 -13.51 0.49
N GLU A 166 -17.21 -14.25 0.30
CA GLU A 166 -18.21 -13.98 -0.74
C GLU A 166 -19.54 -13.88 -0.03
N CYS A 167 -20.44 -13.05 -0.55
CA CYS A 167 -21.77 -12.92 0.02
C CYS A 167 -22.63 -14.16 -0.26
N LEU A 168 -23.88 -14.16 0.21
CA LEU A 168 -24.87 -15.13 -0.27
C LEU A 168 -25.37 -14.66 -1.65
N PRO A 169 -25.90 -15.61 -2.46
CA PRO A 169 -26.75 -15.20 -3.56
C PRO A 169 -27.69 -14.06 -3.17
N GLN A 170 -27.91 -13.13 -4.09
CA GLN A 170 -28.81 -11.97 -3.92
C GLN A 170 -28.30 -10.89 -2.94
N HIS A 171 -27.05 -11.02 -2.49
CA HIS A 171 -26.44 -10.05 -1.57
C HIS A 171 -25.16 -9.39 -2.13
N ALA A 172 -25.01 -8.10 -1.85
CA ALA A 172 -23.98 -7.27 -2.45
C ALA A 172 -22.95 -6.86 -1.42
N MET A 173 -21.68 -7.21 -1.68
CA MET A 173 -20.59 -6.84 -0.78
C MET A 173 -20.27 -5.36 -0.78
N PHE A 174 -19.96 -4.81 0.39
CA PHE A 174 -19.49 -3.43 0.54
C PHE A 174 -18.16 -3.45 1.30
N GLY A 175 -17.10 -3.02 0.62
CA GLY A 175 -15.74 -3.08 1.13
C GLY A 175 -15.03 -4.27 0.50
N ASN A 176 -13.70 -4.18 0.43
CA ASN A 176 -12.85 -5.19 -0.22
C ASN A 176 -13.19 -6.59 0.33
N ASP A 177 -13.22 -7.59 -0.53
CA ASP A 177 -13.61 -8.96 -0.15
C ASP A 177 -12.54 -9.73 0.61
N THR A 178 -11.32 -9.21 0.62
CA THR A 178 -10.18 -9.86 1.24
C THR A 178 -9.67 -9.10 2.48
N ILE A 179 -9.36 -9.86 3.52
CA ILE A 179 -8.73 -9.33 4.74
C ILE A 179 -7.36 -9.97 4.93
N THR A 180 -6.42 -9.16 5.41
CA THR A 180 -5.04 -9.59 5.68
C THR A 180 -4.75 -9.51 7.19
N CYS A 181 -3.96 -10.45 7.69
CA CYS A 181 -3.47 -10.46 9.08
C CYS A 181 -2.33 -9.44 9.23
N THR A 182 -2.56 -8.37 9.99
CA THR A 182 -1.61 -7.26 9.99
C THR A 182 -0.51 -7.44 11.02
N THR A 183 0.44 -6.51 10.97
CA THR A 183 1.51 -6.33 11.97
C THR A 183 1.06 -6.39 13.43
N HIS A 184 -0.09 -5.80 13.73
CA HIS A 184 -0.60 -5.72 15.09
C HIS A 184 -1.40 -6.94 15.55
N GLY A 185 -1.48 -8.00 14.75
CA GLY A 185 -2.21 -9.21 15.14
C GLY A 185 -3.73 -9.15 15.02
N ASN A 186 -4.26 -8.04 14.48
CA ASN A 186 -5.67 -7.95 14.07
C ASN A 186 -5.77 -8.03 12.56
N TRP A 187 -6.99 -8.30 12.08
CA TRP A 187 -7.31 -8.28 10.65
C TRP A 187 -7.72 -6.88 10.15
N THR A 188 -7.58 -6.69 8.84
CA THR A 188 -7.98 -5.46 8.17
C THR A 188 -9.48 -5.38 8.12
N LYS A 189 -9.96 -4.18 7.77
CA LYS A 189 -11.40 -3.89 7.76
C LYS A 189 -12.17 -5.02 7.09
N LEU A 190 -13.32 -5.31 7.68
CA LEU A 190 -14.14 -6.44 7.31
C LEU A 190 -15.25 -5.92 6.38
N PRO A 191 -15.62 -6.69 5.33
CA PRO A 191 -16.70 -6.25 4.47
C PRO A 191 -18.07 -6.49 5.08
N GLU A 192 -19.07 -5.79 4.54
CA GLU A 192 -20.51 -6.04 4.85
C GLU A 192 -21.25 -6.64 3.64
N CYS A 193 -22.19 -7.53 3.89
CA CYS A 193 -23.02 -8.11 2.85
C CYS A 193 -24.52 -7.80 3.07
N ARG A 194 -25.06 -6.83 2.31
CA ARG A 194 -26.49 -6.48 2.31
C ARG A 194 -27.28 -7.13 1.16
N GLU A 195 -28.60 -7.23 1.30
CA GLU A 195 -29.50 -7.61 0.18
C GLU A 195 -29.83 -6.38 -0.64
N VAL A 196 -29.77 -6.50 -1.97
CA VAL A 196 -30.10 -5.39 -2.87
C VAL A 196 -31.12 -5.83 -3.92
N LYS A 197 -32.12 -4.96 -4.13
CA LYS A 197 -33.22 -5.14 -5.07
C LYS A 197 -33.17 -4.03 -6.10
N CYS A 198 -33.43 -4.38 -7.37
CA CYS A 198 -33.65 -3.37 -8.42
C CYS A 198 -35.08 -3.48 -8.98
N PRO A 199 -35.65 -2.32 -9.42
CA PRO A 199 -36.95 -2.35 -10.10
C PRO A 199 -36.91 -3.18 -11.39
N PHE A 200 -38.08 -3.39 -12.01
CA PHE A 200 -38.15 -4.02 -13.33
C PHE A 200 -37.67 -3.01 -14.39
N PRO A 201 -36.92 -3.49 -15.40
CA PRO A 201 -36.44 -2.57 -16.43
C PRO A 201 -37.49 -2.36 -17.53
N SER A 202 -37.79 -1.10 -17.84
CA SER A 202 -38.68 -0.75 -18.95
C SER A 202 -38.22 -1.28 -20.34
N ARG A 203 -39.15 -1.95 -21.04
CA ARG A 203 -39.03 -2.26 -22.48
C ARG A 203 -38.90 -0.95 -23.24
N PRO A 204 -37.97 -0.88 -24.21
CA PRO A 204 -37.75 0.38 -24.88
C PRO A 204 -38.60 0.50 -26.16
N ASP A 205 -39.00 1.72 -26.49
CA ASP A 205 -39.71 2.00 -27.75
C ASP A 205 -38.86 1.49 -28.91
N ASN A 206 -39.54 0.88 -29.89
CA ASN A 206 -38.93 0.29 -31.07
C ASN A 206 -38.01 -0.91 -30.78
N GLY A 207 -38.13 -1.50 -29.59
CA GLY A 207 -37.31 -2.64 -29.21
C GLY A 207 -37.96 -3.59 -28.22
N PHE A 208 -37.13 -4.40 -27.58
CA PHE A 208 -37.56 -5.34 -26.57
C PHE A 208 -36.52 -5.46 -25.46
N VAL A 209 -36.89 -6.17 -24.39
CA VAL A 209 -36.01 -6.41 -23.23
C VAL A 209 -36.33 -7.76 -22.60
N ASN A 210 -35.29 -8.46 -22.15
CA ASN A 210 -35.46 -9.77 -21.52
C ASN A 210 -34.81 -9.85 -20.14
N TYR A 211 -35.40 -10.70 -19.30
CA TYR A 211 -34.88 -11.02 -17.99
C TYR A 211 -35.65 -12.25 -17.51
N PRO A 212 -35.19 -12.90 -16.42
CA PRO A 212 -35.86 -14.16 -16.07
C PRO A 212 -37.23 -13.94 -15.40
N ALA A 213 -38.06 -14.99 -15.46
CA ALA A 213 -39.46 -14.92 -15.03
C ALA A 213 -39.58 -15.15 -13.53
N LYS A 214 -39.57 -14.06 -12.76
CA LYS A 214 -39.69 -14.15 -11.30
C LYS A 214 -40.15 -12.82 -10.67
N PRO A 215 -40.71 -12.89 -9.43
CA PRO A 215 -41.44 -11.74 -8.86
C PRO A 215 -40.61 -10.50 -8.51
N THR A 216 -39.32 -10.65 -8.25
CA THR A 216 -38.47 -9.48 -7.97
C THR A 216 -37.01 -9.74 -8.35
N LEU A 217 -36.29 -8.67 -8.69
CA LEU A 217 -34.96 -8.76 -9.28
C LEU A 217 -33.84 -8.21 -8.37
N TYR A 218 -32.82 -9.06 -8.20
CA TYR A 218 -31.74 -8.85 -7.23
C TYR A 218 -30.40 -8.60 -7.89
N TYR A 219 -29.45 -8.15 -7.06
CA TYR A 219 -28.06 -7.88 -7.45
C TYR A 219 -27.46 -8.98 -8.37
N LYS A 220 -26.75 -8.53 -9.42
CA LYS A 220 -26.13 -9.40 -10.44
C LYS A 220 -27.11 -10.17 -11.34
N ASP A 221 -28.38 -9.74 -11.38
CA ASP A 221 -29.30 -10.29 -12.35
C ASP A 221 -29.12 -9.49 -13.63
N LYS A 222 -29.14 -10.22 -14.75
CA LYS A 222 -28.88 -9.68 -16.08
C LYS A 222 -30.20 -9.33 -16.80
N ALA A 223 -30.19 -8.22 -17.53
CA ALA A 223 -31.24 -7.92 -18.50
C ALA A 223 -30.59 -7.62 -19.86
N THR A 224 -31.04 -8.31 -20.93
CA THR A 224 -30.57 -8.07 -22.31
C THR A 224 -31.62 -7.41 -23.21
N PHE A 225 -31.17 -6.43 -23.99
CA PHE A 225 -32.00 -5.58 -24.86
C PHE A 225 -31.79 -5.93 -26.33
N GLY A 226 -32.69 -5.39 -27.16
CA GLY A 226 -32.64 -5.61 -28.60
C GLY A 226 -33.55 -4.63 -29.32
N CYS A 227 -33.27 -4.40 -30.60
CA CYS A 227 -34.01 -3.44 -31.38
C CYS A 227 -34.61 -4.04 -32.64
N HIS A 228 -35.65 -3.38 -33.11
CA HIS A 228 -36.27 -3.70 -34.38
C HIS A 228 -35.42 -3.17 -35.53
N ASP A 229 -35.70 -3.69 -36.73
CA ASP A 229 -34.81 -3.53 -37.87
C ASP A 229 -34.45 -2.09 -38.22
N GLY A 230 -35.33 -1.14 -37.99
CA GLY A 230 -34.95 0.25 -38.25
C GLY A 230 -33.91 0.90 -37.33
N TYR A 231 -33.58 0.22 -36.24
CA TYR A 231 -33.09 0.88 -35.05
C TYR A 231 -31.90 0.14 -34.46
N SER A 232 -31.10 0.84 -33.67
CA SER A 232 -30.03 0.22 -32.88
C SER A 232 -30.03 0.80 -31.46
N LEU A 233 -29.29 0.16 -30.55
CA LEU A 233 -29.16 0.60 -29.15
C LEU A 233 -28.17 1.74 -29.01
N ASP A 234 -28.49 2.72 -28.17
CA ASP A 234 -27.53 3.78 -27.82
C ASP A 234 -26.77 3.46 -26.53
N GLY A 235 -26.61 2.16 -26.27
CA GLY A 235 -26.06 1.67 -25.02
C GLY A 235 -25.80 0.17 -25.12
N PRO A 236 -25.41 -0.46 -24.00
CA PRO A 236 -25.02 -1.87 -24.02
C PRO A 236 -26.17 -2.85 -24.19
N GLU A 237 -25.90 -3.95 -24.87
CA GLU A 237 -26.88 -5.02 -25.07
C GLU A 237 -27.27 -5.65 -23.76
N GLU A 238 -26.34 -5.73 -22.80
CA GLU A 238 -26.60 -6.36 -21.50
C GLU A 238 -26.42 -5.36 -20.37
N ILE A 239 -27.34 -5.40 -19.41
CA ILE A 239 -27.20 -4.66 -18.17
C ILE A 239 -27.41 -5.61 -17.01
N GLU A 240 -26.99 -5.16 -15.82
CA GLU A 240 -27.15 -5.91 -14.60
C GLU A 240 -27.54 -4.99 -13.47
N CYS A 241 -28.06 -5.62 -12.42
CA CYS A 241 -28.54 -4.95 -11.22
C CYS A 241 -27.33 -4.60 -10.32
N THR A 242 -27.04 -3.31 -10.12
CA THR A 242 -25.87 -2.90 -9.35
C THR A 242 -26.10 -2.87 -7.83
N LYS A 243 -25.00 -2.77 -7.10
CA LYS A 243 -25.01 -2.70 -5.63
C LYS A 243 -25.89 -1.56 -5.06
N LEU A 244 -25.99 -0.45 -5.78
CA LEU A 244 -26.77 0.69 -5.31
C LEU A 244 -28.27 0.61 -5.70
N GLY A 245 -28.77 -0.55 -6.10
CA GLY A 245 -30.21 -0.74 -6.38
C GLY A 245 -30.76 -0.29 -7.73
N ASN A 246 -29.92 0.34 -8.55
CA ASN A 246 -30.24 0.68 -9.96
C ASN A 246 -29.54 -0.30 -10.92
N TRP A 247 -29.67 -0.06 -12.23
CA TRP A 247 -29.01 -0.87 -13.26
C TRP A 247 -27.79 -0.17 -13.87
N SER A 248 -26.93 -0.99 -14.48
CA SER A 248 -25.73 -0.55 -15.21
C SER A 248 -26.05 0.66 -16.10
N ALA A 249 -27.05 0.47 -16.96
CA ALA A 249 -27.63 1.53 -17.78
C ALA A 249 -29.06 1.17 -18.20
N MET A 250 -29.73 2.15 -18.82
CA MET A 250 -31.02 1.95 -19.50
C MET A 250 -30.86 2.40 -20.95
N PRO A 251 -30.57 1.45 -21.85
CA PRO A 251 -30.35 1.80 -23.25
C PRO A 251 -31.67 2.00 -24.02
N SER A 252 -31.70 3.03 -24.88
CA SER A 252 -32.82 3.25 -25.81
C SER A 252 -32.54 2.57 -27.15
N CYS A 253 -33.60 2.32 -27.91
CA CYS A 253 -33.49 1.89 -29.30
C CYS A 253 -33.65 3.12 -30.18
N LYS A 254 -32.56 3.57 -30.81
CA LYS A 254 -32.59 4.80 -31.64
C LYS A 254 -32.59 4.50 -33.15
N ALA A 255 -33.12 5.46 -33.90
CA ALA A 255 -33.42 5.28 -35.30
C ALA A 255 -32.20 5.43 -36.19
N SER A 256 -32.01 4.48 -37.12
CA SER A 256 -30.99 4.60 -38.17
C SER A 256 -31.34 5.69 -39.20
N CYS A 257 -30.33 6.24 -39.87
CA CYS A 257 -30.51 7.24 -40.94
C CYS A 257 -30.46 6.61 -42.31
N LYS A 258 -31.34 7.07 -43.20
CA LYS A 258 -31.27 6.64 -44.62
C LYS A 258 -30.06 7.39 -45.20
N VAL A 259 -29.29 6.73 -46.06
CA VAL A 259 -28.08 7.32 -46.69
C VAL A 259 -28.43 8.72 -47.18
N PRO A 260 -27.85 9.77 -46.59
CA PRO A 260 -28.18 11.16 -46.89
C PRO A 260 -27.91 11.60 -48.33
N VAL A 261 -26.97 10.94 -49.01
CA VAL A 261 -26.68 11.29 -50.42
C VAL A 261 -26.53 10.01 -51.21
N LYS A 262 -26.56 10.15 -52.53
CA LYS A 262 -26.50 9.01 -53.43
C LYS A 262 -25.06 8.51 -53.54
N LYS A 263 -24.12 9.45 -53.68
CA LYS A 263 -22.71 9.03 -53.80
C LYS A 263 -21.79 10.16 -53.34
N ALA A 264 -20.81 9.84 -52.50
CA ALA A 264 -19.82 10.79 -51.94
C ALA A 264 -18.74 10.01 -51.19
N THR A 265 -17.53 10.54 -51.16
CA THR A 265 -16.42 9.92 -50.40
C THR A 265 -16.35 10.67 -49.09
N VAL A 266 -16.23 9.96 -47.96
CA VAL A 266 -16.22 10.68 -46.67
C VAL A 266 -15.22 9.99 -45.74
N VAL A 267 -14.81 10.71 -44.70
CA VAL A 267 -13.97 10.12 -43.66
C VAL A 267 -14.88 9.41 -42.70
N TYR A 268 -14.61 8.14 -42.43
CA TYR A 268 -15.28 7.39 -41.39
C TYR A 268 -14.25 6.75 -40.50
N GLN A 269 -14.17 7.23 -39.26
CA GLN A 269 -13.16 6.78 -38.29
C GLN A 269 -11.79 6.96 -38.92
N GLY A 270 -11.50 8.18 -39.35
CA GLY A 270 -10.18 8.54 -39.91
C GLY A 270 -9.73 7.93 -41.23
N GLU A 271 -10.58 7.17 -41.92
CA GLU A 271 -10.27 6.60 -43.23
C GLU A 271 -11.29 7.03 -44.26
N ARG A 272 -10.83 7.31 -45.48
CA ARG A 272 -11.73 7.61 -46.58
C ARG A 272 -12.52 6.38 -46.97
N VAL A 273 -13.84 6.54 -47.13
CA VAL A 273 -14.71 5.48 -47.63
C VAL A 273 -15.74 6.07 -48.56
N LYS A 274 -16.29 5.24 -49.44
CA LYS A 274 -17.47 5.61 -50.20
C LYS A 274 -18.67 5.40 -49.29
N ILE A 275 -19.41 6.49 -49.05
CA ILE A 275 -20.57 6.45 -48.17
C ILE A 275 -21.65 5.48 -48.65
N GLN A 276 -21.67 5.16 -49.95
CA GLN A 276 -22.67 4.30 -50.61
C GLN A 276 -22.34 2.85 -50.38
N GLU A 277 -21.04 2.54 -50.33
CA GLU A 277 -20.57 1.22 -49.98
C GLU A 277 -20.61 1.00 -48.47
N LYS A 278 -20.05 1.93 -47.71
CA LYS A 278 -19.92 1.72 -46.27
C LYS A 278 -21.25 1.78 -45.52
N PHE A 279 -22.20 2.57 -46.04
CA PHE A 279 -23.53 2.70 -45.42
C PHE A 279 -24.63 2.43 -46.44
N LYS A 280 -24.47 1.30 -47.14
CA LYS A 280 -25.44 0.87 -48.14
C LYS A 280 -26.82 0.64 -47.53
N ASN A 281 -26.86 0.15 -46.30
CA ASN A 281 -28.10 -0.11 -45.59
C ASN A 281 -28.37 0.93 -44.51
N GLY A 282 -27.95 2.17 -44.79
CA GLY A 282 -28.10 3.26 -43.86
C GLY A 282 -27.01 3.35 -42.80
N MET A 283 -27.10 4.42 -42.02
CA MET A 283 -26.18 4.71 -40.95
C MET A 283 -26.86 4.41 -39.62
N LEU A 284 -26.14 3.78 -38.69
CA LEU A 284 -26.68 3.54 -37.34
C LEU A 284 -26.70 4.85 -36.56
N HIS A 285 -27.51 4.88 -35.52
CA HIS A 285 -27.53 6.01 -34.58
C HIS A 285 -26.12 6.27 -34.07
N GLY A 286 -25.73 7.54 -34.07
CA GLY A 286 -24.41 7.92 -33.60
C GLY A 286 -23.27 7.80 -34.59
N ASP A 287 -23.41 6.98 -35.64
CA ASP A 287 -22.42 6.95 -36.73
C ASP A 287 -22.08 8.35 -37.25
N LYS A 288 -20.80 8.71 -37.12
CA LYS A 288 -20.31 10.03 -37.45
C LYS A 288 -19.44 9.92 -38.68
N VAL A 289 -19.41 10.99 -39.47
CA VAL A 289 -18.80 10.98 -40.79
C VAL A 289 -18.38 12.41 -41.13
N SER A 290 -17.26 12.60 -41.83
CA SER A 290 -16.88 13.94 -42.33
C SER A 290 -16.97 14.03 -43.84
N PHE A 291 -17.70 15.05 -44.32
CA PHE A 291 -17.89 15.29 -45.75
C PHE A 291 -16.84 16.27 -46.25
N PHE A 292 -16.54 16.23 -47.56
CA PHE A 292 -15.53 17.11 -48.15
C PHE A 292 -16.17 18.30 -48.82
N CYS A 293 -15.69 19.50 -48.49
CA CYS A 293 -16.10 20.73 -49.16
C CYS A 293 -14.85 21.44 -49.66
N LYS A 294 -14.95 22.15 -50.77
CA LYS A 294 -13.86 22.97 -51.33
C LYS A 294 -13.85 24.35 -50.68
N ASN A 295 -12.67 24.94 -50.51
CA ASN A 295 -12.58 26.38 -50.24
C ASN A 295 -12.45 27.06 -51.59
N LYS A 296 -13.57 27.59 -52.10
CA LYS A 296 -13.64 28.23 -53.43
C LYS A 296 -12.50 29.22 -53.71
N GLU A 297 -12.06 29.95 -52.67
CA GLU A 297 -11.03 30.97 -52.82
C GLU A 297 -9.62 30.37 -53.04
N LYS A 298 -9.16 29.55 -52.10
CA LYS A 298 -7.81 28.95 -52.18
C LYS A 298 -7.71 27.57 -52.91
N LYS A 299 -8.73 27.22 -53.69
CA LYS A 299 -8.76 26.00 -54.53
C LYS A 299 -8.15 24.76 -53.85
N CYS A 300 -8.63 24.48 -52.64
CA CYS A 300 -8.22 23.33 -51.82
C CYS A 300 -9.46 22.73 -51.12
N SER A 301 -9.28 21.73 -50.26
CA SER A 301 -10.43 21.01 -49.62
C SER A 301 -10.34 20.87 -48.10
N TYR A 302 -11.49 20.94 -47.44
CA TYR A 302 -11.62 20.74 -46.00
C TYR A 302 -12.80 19.82 -45.70
N THR A 303 -12.89 19.38 -44.45
CA THR A 303 -14.00 18.54 -44.01
C THR A 303 -14.86 19.21 -42.95
N GLU A 304 -16.15 18.89 -42.96
CA GLU A 304 -17.06 19.18 -41.86
C GLU A 304 -17.85 17.94 -41.52
N ASP A 305 -18.20 17.81 -40.24
CA ASP A 305 -18.75 16.58 -39.70
C ASP A 305 -20.29 16.53 -39.78
N ALA A 306 -20.82 15.34 -39.59
CA ALA A 306 -22.26 15.10 -39.61
C ALA A 306 -22.51 13.77 -38.94
N GLN A 307 -23.60 13.69 -38.20
CA GLN A 307 -23.84 12.52 -37.38
C GLN A 307 -25.29 12.09 -37.45
N CYS A 308 -25.48 10.78 -37.49
CA CYS A 308 -26.80 10.21 -37.39
C CYS A 308 -27.29 10.36 -35.97
N ILE A 309 -28.43 11.03 -35.83
CA ILE A 309 -29.07 11.28 -34.52
C ILE A 309 -30.55 10.93 -34.61
N ASP A 310 -30.87 9.67 -34.29
CA ASP A 310 -32.24 9.21 -34.22
C ASP A 310 -32.92 9.50 -35.55
N GLY A 311 -32.35 8.91 -36.59
CA GLY A 311 -32.86 8.98 -37.96
C GLY A 311 -32.69 10.29 -38.71
N THR A 312 -31.75 11.13 -38.28
CA THR A 312 -31.56 12.44 -38.91
C THR A 312 -30.09 12.77 -38.99
N ILE A 313 -29.66 13.18 -40.17
CA ILE A 313 -28.28 13.57 -40.38
C ILE A 313 -28.22 14.83 -41.25
N GLU A 314 -27.53 15.84 -40.71
CA GLU A 314 -27.46 17.16 -41.31
C GLU A 314 -26.24 17.22 -42.20
N VAL A 315 -26.44 16.88 -43.48
CA VAL A 315 -25.38 16.97 -44.50
C VAL A 315 -24.87 18.42 -44.67
N PRO A 316 -23.64 18.73 -44.16
CA PRO A 316 -23.20 20.13 -43.93
C PRO A 316 -23.40 21.08 -45.11
N LYS A 317 -23.63 22.35 -44.80
CA LYS A 317 -24.17 23.32 -45.77
C LYS A 317 -23.33 23.43 -47.06
N CYS A 318 -22.00 23.45 -46.90
CA CYS A 318 -21.07 23.68 -48.02
C CYS A 318 -20.90 22.48 -48.97
N PHE A 319 -21.35 21.30 -48.58
CA PHE A 319 -21.32 20.13 -49.46
C PHE A 319 -22.20 20.35 -50.70
N LYS A 320 -21.77 19.79 -51.85
CA LYS A 320 -22.49 19.88 -53.13
C LYS A 320 -22.34 18.58 -53.92
N GLU A 321 -23.45 17.98 -54.36
CA GLU A 321 -23.44 16.63 -54.96
C GLU A 321 -23.40 16.63 -56.50
N HIS A 322 -22.25 16.28 -57.06
CA HIS A 322 -22.02 16.24 -58.51
C HIS A 322 -22.43 14.87 -59.07
N SER A 323 -23.05 14.86 -60.26
CA SER A 323 -23.22 13.63 -61.06
C SER A 323 -21.86 13.17 -61.58
N LYS A 329 -14.88 20.02 -63.25
CA LYS A 329 -14.48 20.16 -61.85
C LYS A 329 -14.75 18.85 -61.09
N THR A 330 -14.20 18.75 -59.90
CA THR A 330 -14.18 17.53 -59.14
C THR A 330 -14.68 17.47 -57.70
N ASP A 331 -14.93 16.25 -57.22
CA ASP A 331 -15.37 16.00 -55.82
C ASP A 331 -14.26 16.55 -54.92
N ALA A 332 -14.63 17.36 -53.94
CA ALA A 332 -13.70 17.93 -52.98
C ALA A 332 -12.85 16.82 -52.46
N SER A 333 -13.44 15.65 -52.36
CA SER A 333 -12.62 14.47 -52.03
C SER A 333 -11.26 14.54 -52.72
N ASP A 334 -11.31 14.67 -54.04
CA ASP A 334 -10.12 14.63 -54.91
C ASP A 334 -9.31 15.93 -54.95
N VAL A 335 -9.81 17.01 -54.40
CA VAL A 335 -9.02 18.24 -54.28
C VAL A 335 -8.06 18.07 -53.12
N LYS A 336 -6.90 18.73 -53.26
CA LYS A 336 -5.84 18.71 -52.24
C LYS A 336 -6.33 19.28 -50.92
N PRO A 337 -5.68 18.89 -49.79
CA PRO A 337 -6.14 19.43 -48.52
C PRO A 337 -5.66 20.88 -48.32
N CYS A 338 -6.31 21.60 -47.40
CA CYS A 338 -5.90 22.97 -47.06
C CYS A 338 -4.99 22.95 -45.84
C1 NAG B . -27.20 4.50 -9.31
C2 NAG B . -26.58 5.42 -10.37
C3 NAG B . -25.52 6.30 -9.68
C4 NAG B . -26.17 7.05 -8.51
C5 NAG B . -26.66 6.04 -7.49
C6 NAG B . -27.17 6.59 -6.13
C7 NAG B . -26.56 4.48 -12.70
C8 NAG B . -25.76 3.68 -13.68
N2 NAG B . -25.98 4.68 -11.48
O3 NAG B . -24.91 7.21 -10.60
O4 NAG B . -25.22 7.90 -7.87
O5 NAG B . -27.65 5.26 -8.17
O6 NAG B . -28.50 7.10 -6.10
O7 NAG B . -27.65 4.91 -13.03
C1 NAG B . -25.25 9.38 -7.77
C2 NAG B . -25.97 10.13 -6.62
C3 NAG B . -25.06 11.26 -6.08
C4 NAG B . -23.68 10.68 -5.70
C5 NAG B . -23.03 9.91 -6.87
C6 NAG B . -22.51 8.53 -6.41
C7 NAG B . -28.43 10.71 -6.21
C8 NAG B . -29.66 11.27 -6.88
N2 NAG B . -27.33 10.62 -6.99
O3 NAG B . -25.66 11.90 -4.95
O4 NAG B . -22.69 11.59 -5.14
O5 NAG B . -23.91 9.84 -8.03
O6 NAG B . -22.35 7.65 -7.52
O7 NAG B . -28.49 10.40 -5.03
C1 BMA B . -22.44 12.90 -5.68
C2 BMA B . -21.15 13.53 -5.05
C3 BMA B . -19.97 13.86 -6.01
C4 BMA B . -20.33 13.78 -7.49
C5 BMA B . -21.81 14.13 -7.66
C6 BMA B . -22.21 14.38 -9.11
O2 BMA B . -20.65 12.75 -3.95
O3 BMA B . -18.80 13.07 -5.73
O4 BMA B . -19.51 14.66 -8.27
O5 BMA B . -22.52 13.03 -7.11
O6 BMA B . -22.10 15.79 -9.39
C1 NAG C . -6.03 -2.88 14.59
C2 NAG C . -7.06 -1.90 14.11
C3 NAG C . -6.48 -0.51 13.91
C4 NAG C . -5.67 -0.06 15.13
C5 NAG C . -4.69 -1.17 15.52
C6 NAG C . -3.91 -0.87 16.78
C7 NAG C . -8.84 -2.64 12.71
C8 NAG C . -9.28 -3.14 11.35
N2 NAG C . -7.56 -2.36 12.83
O3 NAG C . -7.55 0.40 13.69
O4 NAG C . -4.93 1.14 14.81
O5 NAG C . -5.44 -2.38 15.77
O6 NAG C . -4.79 -0.52 17.83
O7 NAG C . -9.64 -2.50 13.63
C1 NAG C . -5.29 2.29 15.49
C2 NAG C . -4.08 3.22 15.68
C3 NAG C . -4.56 4.51 16.38
C4 NAG C . -5.73 5.16 15.63
C5 NAG C . -6.84 4.11 15.35
C6 NAG C . -7.95 4.61 14.42
C7 NAG C . -1.94 2.17 16.00
C8 NAG C . -0.93 1.52 16.94
N2 NAG C . -3.08 2.58 16.52
O3 NAG C . -3.47 5.44 16.51
O4 NAG C . -6.23 6.26 16.44
O5 NAG C . -6.29 2.95 14.70
O6 NAG C . -7.80 4.09 13.10
O7 NAG C . -1.68 2.26 14.80
C1 BMA C . -6.50 7.53 15.87
C2 BMA C . -5.46 8.25 14.93
C3 BMA C . -5.81 9.76 14.79
C4 BMA C . -7.31 9.94 14.40
C5 BMA C . -8.22 9.22 15.44
C6 BMA C . -9.72 9.30 15.10
O2 BMA C . -5.43 7.65 13.63
O3 BMA C . -4.98 10.35 13.79
O4 BMA C . -7.63 11.33 14.35
O5 BMA C . -7.88 7.79 15.48
O6 BMA C . -10.43 10.12 16.04
C1 NAG D . -7.85 -25.71 17.03
C2 NAG D . -8.87 -26.78 16.78
C3 NAG D . -9.36 -27.42 18.08
C4 NAG D . -8.19 -27.81 18.98
C5 NAG D . -7.22 -26.65 19.10
C6 NAG D . -5.97 -26.97 19.90
C7 NAG D . -10.35 -26.60 14.94
C8 NAG D . -11.54 -25.90 14.30
N2 NAG D . -10.00 -26.16 16.14
O3 NAG D . -10.13 -28.56 17.76
O4 NAG D . -8.68 -28.17 20.30
O5 NAG D . -6.78 -26.24 17.79
O6 NAG D . -5.35 -28.13 19.39
O7 NAG D . -9.76 -27.52 14.36
C1 NAG E . -8.52 -5.63 -2.63
C2 NAG E . -8.84 -5.70 -4.14
C3 NAG E . -8.23 -4.46 -4.80
C4 NAG E . -6.85 -4.06 -4.23
C5 NAG E . -6.17 -5.18 -3.41
C6 NAG E . -4.83 -4.72 -2.82
C7 NAG E . -8.97 -8.09 -4.95
C8 NAG E . -8.26 -9.15 -5.77
N2 NAG E . -8.35 -6.91 -4.86
O3 NAG E . -9.14 -3.37 -4.62
O4 NAG E . -5.98 -3.66 -5.30
O5 NAG E . -7.08 -5.70 -2.39
O6 NAG E . -4.74 -4.90 -1.40
O7 NAG E . -10.04 -8.34 -4.42
S SO4 F . -0.94 -0.74 10.62
O1 SO4 F . -0.74 0.19 11.76
O2 SO4 F . -2.23 -0.40 9.99
O3 SO4 F . 0.17 -0.59 9.65
O4 SO4 F . -0.97 -2.17 10.98
S SO4 G . 1.23 -4.29 7.53
O1 SO4 G . 0.19 -4.11 8.57
O2 SO4 G . 0.70 -4.99 6.33
O3 SO4 G . 1.77 -2.97 7.16
O4 SO4 G . 2.34 -5.12 8.05
S SO4 H . 6.38 -15.11 9.75
O1 SO4 H . 6.05 -15.25 11.20
O2 SO4 H . 5.39 -14.24 9.07
O3 SO4 H . 6.37 -16.45 9.15
O4 SO4 H . 7.72 -14.52 9.55
S SO4 I . -42.90 -5.15 -30.48
O1 SO4 I . -44.21 -5.13 -29.81
O2 SO4 I . -42.45 -3.74 -30.65
O3 SO4 I . -43.05 -5.81 -31.80
O4 SO4 I . -41.91 -5.93 -29.69
S SO4 J . -43.45 -0.05 -30.14
O1 SO4 J . -44.47 -0.67 -29.27
O2 SO4 J . -44.12 0.78 -31.16
O3 SO4 J . -42.59 0.85 -29.32
O4 SO4 J . -42.65 -1.13 -30.77
S SO4 K . -37.06 3.96 -24.51
O1 SO4 K . -36.68 5.39 -24.35
O2 SO4 K . -38.53 3.85 -24.44
O3 SO4 K . -36.59 3.47 -25.83
O4 SO4 K . -36.43 3.16 -23.44
S SO4 L . 39.14 -6.76 45.66
O1 SO4 L . 38.36 -5.59 45.18
O2 SO4 L . 38.42 -7.41 46.78
O3 SO4 L . 40.48 -6.34 46.12
O4 SO4 L . 39.31 -7.71 44.54
S SO4 M . 42.41 -11.39 40.21
O1 SO4 M . 42.22 -10.01 39.71
O2 SO4 M . 41.08 -12.05 40.26
O3 SO4 M . 43.30 -12.12 39.27
O4 SO4 M . 43.00 -11.37 41.57
S SO4 N . -17.80 -0.63 -1.81
O1 SO4 N . -18.00 -0.59 -0.34
O2 SO4 N . -19.11 -0.40 -2.46
O3 SO4 N . -17.24 -1.95 -2.21
O4 SO4 N . -16.84 0.41 -2.22
S SO4 O . -19.47 -4.89 -8.20
O1 SO4 O . -20.85 -4.38 -7.97
O2 SO4 O . -18.91 -4.31 -9.44
O3 SO4 O . -19.51 -6.37 -8.35
O4 SO4 O . -18.59 -4.51 -7.08
S SO4 P . 33.54 -9.05 40.80
O1 SO4 P . 33.86 -7.93 39.88
O2 SO4 P . 32.09 -9.06 41.09
O3 SO4 P . 34.32 -8.86 42.05
O4 SO4 P . 33.94 -10.31 40.15
S SO4 Q . 37.64 8.92 35.32
O1 SO4 Q . 37.82 10.14 36.14
O2 SO4 Q . 36.40 8.22 35.72
O3 SO4 Q . 37.53 9.28 33.89
O4 SO4 Q . 38.81 8.02 35.48
S SO4 R . 47.88 -4.21 47.14
O1 SO4 R . 46.48 -4.65 46.87
O2 SO4 R . 47.96 -2.74 47.24
O3 SO4 R . 48.74 -4.63 46.01
O4 SO4 R . 48.30 -4.82 48.42
S SO4 S . -8.29 8.22 -55.39
O1 SO4 S . -9.41 7.29 -55.66
O2 SO4 S . -8.45 8.74 -54.02
O3 SO4 S . -8.27 9.35 -56.35
O4 SO4 S . -7.01 7.47 -55.50
S SO4 T . 22.95 1.70 20.54
O1 SO4 T . 21.93 0.82 21.17
O2 SO4 T . 22.34 2.48 19.45
O3 SO4 T . 24.07 0.87 20.00
O4 SO4 T . 23.46 2.62 21.58
S SO4 U . -38.87 -12.38 -3.71
O1 SO4 U . -39.25 -11.98 -5.09
O2 SO4 U . -39.89 -13.31 -3.18
O3 SO4 U . -37.56 -13.07 -3.74
O4 SO4 U . -38.80 -11.17 -2.86
S SO4 V . -29.31 -3.87 -31.87
O1 SO4 V . -29.20 -2.50 -31.29
O2 SO4 V . -30.66 -4.44 -31.62
O3 SO4 V . -29.04 -3.80 -33.33
O4 SO4 V . -28.29 -4.74 -31.22
S SO4 W . -22.69 -3.92 -26.52
O1 SO4 W . -23.15 -5.30 -26.21
O2 SO4 W . -23.81 -3.14 -27.10
O3 SO4 W . -21.61 -3.99 -27.54
O4 SO4 W . -22.19 -3.27 -25.30
S SO4 X . -18.58 5.09 -58.66
O1 SO4 X . -18.86 6.46 -59.18
O2 SO4 X . -19.85 4.35 -58.46
O3 SO4 X . -17.75 4.35 -59.62
O4 SO4 X . -17.88 5.22 -57.37
S SO4 Y . -2.65 -16.87 2.83
O1 SO4 Y . -4.05 -16.45 3.06
O2 SO4 Y . -2.61 -17.91 1.79
O3 SO4 Y . -1.84 -15.70 2.39
O4 SO4 Y . -2.11 -17.43 4.09
S SO4 Z . -37.48 -7.07 -35.96
O1 SO4 Z . -37.34 -5.77 -36.66
O2 SO4 Z . -38.75 -7.09 -35.20
O3 SO4 Z . -36.34 -7.26 -35.02
O4 SO4 Z . -37.48 -8.16 -36.96
S SO4 AA . -28.31 15.26 -58.31
O1 SO4 AA . -29.03 16.55 -58.46
O2 SO4 AA . -29.17 14.31 -57.57
O3 SO4 AA . -27.05 15.49 -57.54
O4 SO4 AA . -27.98 14.70 -59.64
S SO4 BA . 3.54 -2.21 17.51
O1 SO4 BA . 3.45 -0.91 16.79
O2 SO4 BA . 2.71 -2.16 18.74
O3 SO4 BA . 4.94 -2.50 17.89
O4 SO4 BA . 3.06 -3.28 16.60
S SO4 CA . 33.39 -8.97 34.53
O1 SO4 CA . 32.22 -8.36 35.22
O2 SO4 CA . 33.04 -10.36 34.13
O3 SO4 CA . 33.75 -8.18 33.34
O4 SO4 CA . 34.55 -9.03 35.46
S SO4 DA . -21.86 11.26 -29.40
O1 SO4 DA . -22.26 12.69 -29.51
O2 SO4 DA . -23.08 10.42 -29.44
O3 SO4 DA . -20.94 10.92 -30.51
O4 SO4 DA . -21.15 11.03 -28.12
S SO4 EA . -19.30 -9.72 12.69
O1 SO4 EA . -19.27 -8.42 13.39
O2 SO4 EA . -20.66 -9.97 12.16
O3 SO4 EA . -18.33 -9.67 11.56
O4 SO4 EA . -18.91 -10.80 13.63
#